data_5IKB
#
_entry.id   5IKB
#
_cell.length_a   44.500
_cell.length_b   69.870
_cell.length_c   162.760
_cell.angle_alpha   90.00
_cell.angle_beta   90.00
_cell.angle_gamma   90.00
#
_symmetry.space_group_name_H-M   'C 2 2 21'
#
loop_
_entity.id
_entity.type
_entity.pdbx_description
1 polymer 'Glutamate receptor ionotropic, kainate 4,Glutamate receptor ionotropic, kainate 4'
2 non-polymer 3-(CARBOXYMETHYL)-4-ISOPROPENYLPROLINE
3 non-polymer GLYCEROL
4 water water
#
_entity_poly.entity_id   1
_entity_poly.type   'polypeptide(L)'
_entity_poly.pdbx_seq_one_letter_code
;GPNTTLVVTTILENPYLMLKGNHQDMEGNDRYEGFCVDMLKELAEILRFNYKIRLVGDGVYGVPEANGTWTGMVGELIAR
KADLAVAGLTITAEREKVIDFSKPFMTLGISILYRKGTPIESVDDLADQTAIEYGTIHGGSSMTFFQNSRYQTYQRMWNY
MYSKQPSVFVKSTEEGIARVLNSNYAFLLESTMNEYYRQRNCNLTQIGGLLDTKGYGIGMPVGSVFRDEFDLAILQLQEN
NRLEILKRKWWEGGKCP
;
_entity_poly.pdbx_strand_id   A
#
# COMPACT_ATOMS: atom_id res chain seq x y z
N THR A 5 5.57 -25.14 -5.72
CA THR A 5 5.94 -23.77 -6.18
C THR A 5 4.73 -22.84 -6.04
N LEU A 6 4.85 -21.80 -5.19
CA LEU A 6 3.73 -20.87 -4.94
C LEU A 6 3.77 -19.71 -5.92
N VAL A 7 2.62 -19.34 -6.47
CA VAL A 7 2.57 -18.20 -7.36
C VAL A 7 2.20 -17.01 -6.54
N VAL A 8 3.09 -16.02 -6.50
CA VAL A 8 2.96 -14.79 -5.75
C VAL A 8 2.62 -13.68 -6.72
N THR A 9 1.44 -13.07 -6.54
CA THR A 9 1.09 -11.87 -7.28
C THR A 9 1.59 -10.63 -6.49
N THR A 10 2.10 -9.65 -7.21
CA THR A 10 2.71 -8.48 -6.62
C THR A 10 2.63 -7.30 -7.57
N ILE A 11 3.25 -6.20 -7.16
CA ILE A 11 3.22 -4.97 -7.99
C ILE A 11 4.43 -4.18 -7.75
N LEU A 12 4.87 -3.44 -8.80
CA LEU A 12 5.98 -2.54 -8.65
C LEU A 12 5.64 -1.30 -7.76
N GLU A 13 6.34 -1.20 -6.68
CA GLU A 13 6.01 -0.12 -5.68
C GLU A 13 7.17 0.07 -4.74
N ASN A 14 7.80 1.27 -4.76
CA ASN A 14 9.01 1.53 -3.96
C ASN A 14 8.67 1.64 -2.51
N PRO A 15 9.48 1.04 -1.62
CA PRO A 15 10.56 0.10 -1.81
C PRO A 15 10.10 -1.36 -1.58
N TYR A 16 8.84 -1.71 -1.83
CA TYR A 16 8.36 -3.04 -1.49
C TYR A 16 8.89 -3.99 -2.52
N LEU A 17 8.72 -3.64 -3.79
CA LEU A 17 9.11 -4.48 -4.90
C LEU A 17 9.48 -3.59 -6.03
N MET A 18 10.75 -3.71 -6.40
CA MET A 18 11.40 -2.87 -7.48
C MET A 18 12.19 -3.72 -8.47
N LEU A 19 12.39 -3.20 -9.69
CA LEU A 19 13.28 -3.84 -10.64
C LEU A 19 14.70 -3.50 -10.29
N LYS A 20 15.60 -4.47 -10.34
CA LYS A 20 16.99 -4.19 -10.07
C LYS A 20 17.56 -3.24 -11.16
N GLY A 21 18.51 -2.39 -10.78
CA GLY A 21 19.13 -1.46 -11.72
C GLY A 21 19.49 -2.11 -13.05
N ASN A 22 20.20 -3.24 -12.95
CA ASN A 22 20.57 -4.08 -14.10
C ASN A 22 19.70 -5.37 -14.20
N HIS A 23 18.38 -5.17 -14.28
CA HIS A 23 17.40 -6.25 -14.40
C HIS A 23 17.33 -7.02 -15.75
N GLN A 24 17.86 -6.42 -16.81
CA GLN A 24 17.92 -7.05 -18.12
C GLN A 24 18.92 -8.20 -18.14
N ASP A 25 19.96 -8.11 -17.30
CA ASP A 25 20.89 -9.23 -17.10
C ASP A 25 20.39 -10.21 -16.00
N MET A 26 19.08 -10.28 -15.80
CA MET A 26 18.47 -11.14 -14.76
C MET A 26 17.25 -11.85 -15.31
N GLU A 27 16.87 -12.97 -14.70
CA GLU A 27 15.73 -13.78 -15.16
C GLU A 27 14.84 -14.24 -14.00
N GLY A 28 13.53 -14.28 -14.20
CA GLY A 28 12.60 -14.74 -13.15
C GLY A 28 12.64 -13.88 -11.87
N ASN A 29 12.64 -14.51 -10.69
CA ASN A 29 12.62 -13.73 -9.43
C ASN A 29 13.79 -12.69 -9.26
N ASP A 30 14.95 -13.03 -9.80
CA ASP A 30 16.15 -12.21 -9.60
C ASP A 30 16.19 -10.90 -10.41
N ARG A 31 15.15 -10.67 -11.21
CA ARG A 31 14.85 -9.33 -11.73
C ARG A 31 14.53 -8.30 -10.62
N TYR A 32 14.04 -8.75 -9.44
CA TYR A 32 13.38 -7.93 -8.45
C TYR A 32 14.13 -7.84 -7.13
N GLU A 33 14.04 -6.66 -6.53
CA GLU A 33 14.50 -6.46 -5.16
C GLU A 33 13.43 -5.78 -4.32
N GLY A 34 13.70 -5.78 -3.03
CA GLY A 34 12.99 -4.89 -2.08
C GLY A 34 12.55 -5.60 -0.82
N PHE A 35 11.92 -4.83 0.04
CA PHE A 35 11.41 -5.39 1.32
C PHE A 35 10.57 -6.69 1.15
N CYS A 36 9.65 -6.71 0.19
CA CYS A 36 8.83 -7.89 0.05
C CYS A 36 9.66 -9.08 -0.44
N VAL A 37 10.63 -8.84 -1.31
CA VAL A 37 11.52 -9.91 -1.85
C VAL A 37 12.33 -10.49 -0.68
N ASP A 38 12.85 -9.62 0.18
CA ASP A 38 13.67 -10.04 1.33
C ASP A 38 12.83 -10.74 2.31
N MET A 39 11.58 -10.31 2.47
CA MET A 39 10.61 -11.01 3.37
C MET A 39 10.24 -12.38 2.83
N LEU A 40 9.95 -12.47 1.54
CA LEU A 40 9.72 -13.77 0.95
C LEU A 40 10.90 -14.73 1.20
N LYS A 41 12.12 -14.26 1.04
CA LYS A 41 13.29 -15.13 1.20
C LYS A 41 13.33 -15.63 2.61
N GLU A 42 13.13 -14.78 3.60
CA GLU A 42 13.18 -15.21 4.97
C GLU A 42 12.04 -16.16 5.34
N LEU A 43 10.82 -15.86 4.84
CA LEU A 43 9.76 -16.80 4.98
C LEU A 43 10.04 -18.17 4.32
N ALA A 44 10.59 -18.15 3.10
CA ALA A 44 10.92 -19.36 2.39
C ALA A 44 12.04 -20.23 3.09
N GLU A 45 13.00 -19.59 3.76
CA GLU A 45 14.01 -20.28 4.59
C GLU A 45 13.39 -21.11 5.77
N ILE A 46 12.30 -20.62 6.32
CA ILE A 46 11.60 -21.31 7.41
C ILE A 46 10.69 -22.43 6.87
N LEU A 47 9.81 -22.04 5.95
CA LEU A 47 8.81 -22.91 5.44
C LEU A 47 9.19 -23.73 4.25
N ARG A 48 10.30 -23.46 3.56
CA ARG A 48 10.82 -24.37 2.50
C ARG A 48 9.88 -24.51 1.24
N PHE A 49 9.33 -23.44 0.73
CA PHE A 49 8.53 -23.47 -0.49
C PHE A 49 9.34 -22.78 -1.58
N ASN A 50 9.14 -23.20 -2.83
CA ASN A 50 9.57 -22.38 -3.97
C ASN A 50 8.41 -21.42 -4.33
N TYR A 51 8.74 -20.34 -5.01
CA TYR A 51 7.75 -19.38 -5.50
C TYR A 51 8.22 -18.69 -6.79
N LYS A 52 7.26 -18.18 -7.55
CA LYS A 52 7.54 -17.40 -8.73
C LYS A 52 6.79 -16.09 -8.58
N ILE A 53 7.54 -14.98 -8.72
CA ILE A 53 6.97 -13.64 -8.69
C ILE A 53 6.38 -13.20 -10.03
N ARG A 54 5.12 -12.77 -9.96
CA ARG A 54 4.36 -12.33 -11.13
C ARG A 54 3.64 -11.07 -10.82
N LEU A 55 3.81 -10.09 -11.69
CA LEU A 55 3.31 -8.77 -11.47
C LEU A 55 1.84 -8.79 -11.84
N VAL A 56 0.99 -8.21 -11.00
CA VAL A 56 -0.45 -8.18 -11.24
C VAL A 56 -0.77 -7.62 -12.64
N GLY A 57 -1.60 -8.35 -13.36
CA GLY A 57 -1.91 -8.11 -14.77
C GLY A 57 -2.51 -6.76 -15.05
N ASP A 58 -3.40 -6.32 -14.16
CA ASP A 58 -4.11 -5.07 -14.41
C ASP A 58 -3.49 -3.93 -13.69
N GLY A 59 -2.39 -4.17 -12.97
CA GLY A 59 -1.69 -3.05 -12.27
C GLY A 59 -2.42 -2.40 -11.07
N VAL A 60 -3.33 -3.14 -10.42
CA VAL A 60 -4.12 -2.62 -9.34
C VAL A 60 -3.99 -3.49 -8.05
N TYR A 61 -4.18 -2.88 -6.90
CA TYR A 61 -4.23 -3.60 -5.63
C TYR A 61 -5.52 -4.39 -5.45
N GLY A 62 -6.66 -3.72 -5.62
CA GLY A 62 -7.95 -4.34 -5.36
C GLY A 62 -9.08 -3.36 -5.07
N VAL A 63 -10.07 -3.43 -5.97
CA VAL A 63 -11.36 -2.65 -5.93
C VAL A 63 -12.55 -3.61 -6.21
N PRO A 64 -13.62 -3.53 -5.40
CA PRO A 64 -14.84 -4.21 -5.70
C PRO A 64 -15.66 -3.53 -6.81
N GLU A 65 -16.13 -4.30 -7.79
CA GLU A 65 -17.17 -3.84 -8.73
C GLU A 65 -18.53 -3.99 -8.15
N ALA A 66 -19.46 -3.21 -8.65
CA ALA A 66 -20.83 -3.26 -8.15
C ALA A 66 -21.41 -4.66 -8.31
N ASN A 67 -21.02 -5.38 -9.36
CA ASN A 67 -21.53 -6.74 -9.55
C ASN A 67 -20.83 -7.80 -8.67
N GLY A 68 -19.91 -7.46 -7.78
CA GLY A 68 -19.28 -8.52 -6.98
C GLY A 68 -17.90 -8.96 -7.40
N THR A 69 -17.50 -8.64 -8.64
CA THR A 69 -16.13 -8.85 -9.06
C THR A 69 -15.15 -7.90 -8.38
N TRP A 70 -14.01 -8.47 -7.97
CA TRP A 70 -12.89 -7.71 -7.50
C TRP A 70 -11.82 -7.61 -8.58
N THR A 71 -11.10 -6.50 -8.55
CA THR A 71 -10.05 -6.28 -9.53
C THR A 71 -8.77 -6.53 -8.72
N GLY A 72 -7.67 -6.32 -9.41
CA GLY A 72 -6.37 -6.28 -8.78
C GLY A 72 -5.85 -7.61 -8.32
N MET A 73 -4.88 -7.53 -7.42
CA MET A 73 -4.35 -8.69 -6.72
C MET A 73 -5.44 -9.40 -5.90
N VAL A 74 -6.44 -8.68 -5.39
CA VAL A 74 -7.54 -9.35 -4.63
C VAL A 74 -8.31 -10.29 -5.60
N GLY A 75 -8.57 -9.78 -6.80
CA GLY A 75 -9.29 -10.53 -7.82
C GLY A 75 -8.54 -11.77 -8.29
N GLU A 76 -7.23 -11.60 -8.42
CA GLU A 76 -6.37 -12.73 -8.84
C GLU A 76 -6.45 -13.85 -7.80
N LEU A 77 -6.46 -13.48 -6.51
CA LEU A 77 -6.60 -14.43 -5.43
C LEU A 77 -7.96 -15.18 -5.46
N ILE A 78 -9.06 -14.44 -5.60
CA ILE A 78 -10.39 -15.07 -5.74
C ILE A 78 -10.48 -16.01 -6.98
N ALA A 79 -9.80 -15.67 -8.07
CA ALA A 79 -9.81 -16.44 -9.29
C ALA A 79 -8.84 -17.63 -9.28
N ARG A 80 -8.04 -17.71 -8.21
CA ARG A 80 -7.05 -18.73 -7.98
C ARG A 80 -5.98 -18.63 -9.02
N LYS A 81 -5.65 -17.42 -9.49
CA LYS A 81 -4.56 -17.26 -10.45
C LYS A 81 -3.24 -17.13 -9.68
N ALA A 82 -3.28 -16.92 -8.35
CA ALA A 82 -2.10 -16.78 -7.53
C ALA A 82 -2.38 -17.37 -6.17
N ASP A 83 -1.39 -17.95 -5.53
CA ASP A 83 -1.54 -18.44 -4.17
C ASP A 83 -1.42 -17.35 -3.06
N LEU A 84 -0.59 -16.37 -3.27
CA LEU A 84 -0.29 -15.35 -2.28
C LEU A 84 -0.22 -14.00 -2.96
N ALA A 85 -0.59 -12.95 -2.23
CA ALA A 85 -0.37 -11.62 -2.71
C ALA A 85 0.53 -10.95 -1.71
N VAL A 86 1.69 -10.50 -2.18
CA VAL A 86 2.75 -9.95 -1.35
C VAL A 86 3.08 -8.54 -1.83
N ALA A 87 2.62 -7.57 -1.05
CA ALA A 87 2.71 -6.19 -1.40
C ALA A 87 2.31 -5.38 -0.17
N GLY A 88 2.23 -4.05 -0.31
CA GLY A 88 1.58 -3.22 0.71
C GLY A 88 0.07 -3.30 0.61
N LEU A 89 -0.43 -4.50 0.81
CA LEU A 89 -1.85 -4.81 0.66
C LEU A 89 -2.56 -4.56 1.99
N THR A 90 -3.32 -3.45 2.03
CA THR A 90 -3.96 -2.99 3.24
C THR A 90 -5.12 -3.95 3.61
N ILE A 91 -5.15 -4.37 4.86
CA ILE A 91 -6.12 -5.31 5.44
C ILE A 91 -7.29 -4.43 5.83
N THR A 92 -8.42 -4.60 5.18
CA THR A 92 -9.65 -3.85 5.48
C THR A 92 -10.75 -4.83 5.55
N ALA A 93 -11.82 -4.38 6.20
CA ALA A 93 -12.99 -5.24 6.54
C ALA A 93 -13.64 -5.71 5.25
N GLU A 94 -13.63 -4.87 4.19
CA GLU A 94 -14.23 -5.22 2.89
C GLU A 94 -13.45 -6.32 2.18
N ARG A 95 -12.14 -6.20 2.23
CA ARG A 95 -11.28 -7.25 1.67
C ARG A 95 -11.35 -8.55 2.42
N GLU A 96 -11.38 -8.45 3.74
CA GLU A 96 -11.54 -9.64 4.60
C GLU A 96 -12.75 -10.52 4.33
N LYS A 97 -13.83 -9.96 3.79
CA LYS A 97 -14.96 -10.73 3.36
C LYS A 97 -14.72 -11.61 2.15
N VAL A 98 -13.74 -11.28 1.32
CA VAL A 98 -13.53 -11.97 0.08
C VAL A 98 -12.20 -12.72 -0.10
N ILE A 99 -11.22 -12.46 0.79
CA ILE A 99 -9.96 -13.20 0.83
C ILE A 99 -9.50 -13.38 2.27
N ASP A 100 -8.54 -14.30 2.54
CA ASP A 100 -7.89 -14.31 3.87
C ASP A 100 -6.63 -13.39 3.90
N PHE A 101 -6.20 -12.95 5.08
CA PHE A 101 -4.89 -12.27 5.20
C PHE A 101 -4.08 -12.97 6.25
N SER A 102 -2.76 -12.91 6.12
CA SER A 102 -1.88 -13.34 7.19
C SER A 102 -2.02 -12.35 8.34
N LYS A 103 -1.32 -12.60 9.44
CA LYS A 103 -1.11 -11.57 10.45
C LYS A 103 -0.30 -10.43 9.79
N PRO A 104 -0.45 -9.21 10.29
CA PRO A 104 0.20 -8.07 9.66
C PRO A 104 1.69 -8.09 9.82
N PHE A 105 2.42 -7.70 8.78
CA PHE A 105 3.89 -7.67 8.84
C PHE A 105 4.44 -6.24 8.90
N MET A 106 3.55 -5.25 8.80
CA MET A 106 3.91 -3.82 8.93
C MET A 106 2.67 -2.99 9.33
N THR A 107 2.87 -1.97 10.17
N THR A 107 2.89 -1.97 10.15
CA THR A 107 1.77 -1.09 10.61
CA THR A 107 1.85 -1.05 10.65
C THR A 107 1.86 0.28 9.93
C THR A 107 1.86 0.29 9.89
N LEU A 108 0.72 0.96 9.79
CA LEU A 108 0.65 2.21 9.02
C LEU A 108 -0.66 2.95 9.27
N GLY A 109 -0.75 4.17 8.79
CA GLY A 109 -2.00 4.85 8.76
C GLY A 109 -2.04 5.93 7.72
N ILE A 110 -3.25 6.45 7.49
CA ILE A 110 -3.45 7.47 6.47
C ILE A 110 -2.74 8.74 6.90
N SER A 111 -2.08 9.35 5.95
CA SER A 111 -1.24 10.51 6.21
C SER A 111 -1.40 11.52 5.08
N ILE A 112 -0.93 12.74 5.37
CA ILE A 112 -0.94 13.78 4.36
C ILE A 112 0.50 14.20 4.02
N LEU A 113 0.79 14.26 2.71
CA LEU A 113 2.07 14.85 2.21
C LEU A 113 1.96 16.18 1.44
N TYR A 114 2.83 17.13 1.81
CA TYR A 114 2.92 18.44 1.15
C TYR A 114 4.36 18.98 1.06
N ARG A 115 4.57 19.93 0.14
CA ARG A 115 5.90 20.62 -0.02
C ARG A 115 6.06 21.77 0.98
N LYS A 116 7.27 21.92 1.52
CA LYS A 116 7.51 22.77 2.73
C LYS A 116 7.17 24.30 2.65
N GLY A 117 7.09 24.91 3.84
CA GLY A 117 6.70 26.32 4.01
C GLY A 117 5.19 26.57 3.94
N THR A 118 4.41 25.73 4.62
CA THR A 118 2.92 25.81 4.58
C THR A 118 2.31 26.05 5.96
N PRO A 119 1.31 26.94 6.01
CA PRO A 119 0.53 27.11 7.22
C PRO A 119 -0.62 26.10 7.37
N ILE A 120 -0.60 25.00 6.62
CA ILE A 120 -1.57 23.91 6.79
C ILE A 120 -1.03 22.96 7.86
N GLU A 121 -1.75 22.93 8.98
CA GLU A 121 -1.27 22.34 10.21
C GLU A 121 -1.98 21.08 10.57
N SER A 122 -3.07 20.78 9.85
CA SER A 122 -3.90 19.60 10.16
C SER A 122 -4.83 19.29 9.02
N VAL A 123 -5.50 18.12 9.18
CA VAL A 123 -6.47 17.69 8.19
C VAL A 123 -7.71 18.60 8.20
N ASP A 124 -8.04 19.20 9.35
CA ASP A 124 -9.20 20.11 9.41
C ASP A 124 -8.85 21.41 8.70
N ASP A 125 -7.60 21.86 8.83
CA ASP A 125 -7.15 23.04 8.09
C ASP A 125 -7.15 22.81 6.58
N LEU A 126 -6.58 21.70 6.16
CA LEU A 126 -6.61 21.25 4.74
C LEU A 126 -8.03 21.28 4.14
N ALA A 127 -8.96 20.64 4.83
CA ALA A 127 -10.34 20.54 4.35
C ALA A 127 -11.05 21.91 4.34
N ASP A 128 -10.59 22.84 5.19
CA ASP A 128 -11.23 24.13 5.37
C ASP A 128 -10.62 25.25 4.57
N GLN A 129 -9.90 24.92 3.51
CA GLN A 129 -9.34 25.95 2.60
C GLN A 129 -9.41 25.49 1.16
N THR A 130 -9.18 26.43 0.25
CA THR A 130 -9.35 26.26 -1.22
C THR A 130 -8.04 26.35 -2.06
N ALA A 131 -7.05 27.08 -1.58
CA ALA A 131 -5.83 27.26 -2.31
C ALA A 131 -5.13 25.92 -2.68
N ILE A 132 -4.90 25.06 -1.70
CA ILE A 132 -4.15 23.83 -1.94
C ILE A 132 -5.18 22.76 -2.29
N GLU A 133 -5.03 22.12 -3.46
CA GLU A 133 -5.87 20.98 -3.84
C GLU A 133 -5.37 19.75 -3.09
N TYR A 134 -6.16 18.71 -3.05
CA TYR A 134 -5.72 17.50 -2.33
C TYR A 134 -6.48 16.31 -2.89
N GLY A 135 -5.88 15.15 -2.73
CA GLY A 135 -6.44 13.94 -3.30
C GLY A 135 -5.65 12.70 -3.01
N THR A 136 -6.03 11.61 -3.66
CA THR A 136 -5.45 10.28 -3.39
C THR A 136 -5.44 9.37 -4.64
N ILE A 137 -4.92 8.15 -4.45
CA ILE A 137 -4.95 7.24 -5.53
C ILE A 137 -6.38 6.74 -5.66
N HIS A 138 -6.97 6.74 -6.84
CA HIS A 138 -8.36 6.31 -6.99
C HIS A 138 -8.48 4.82 -6.72
N GLY A 139 -9.46 4.42 -5.94
CA GLY A 139 -9.72 3.03 -5.75
C GLY A 139 -8.87 2.39 -4.66
N GLY A 140 -7.99 3.14 -4.00
CA GLY A 140 -7.20 2.59 -2.92
C GLY A 140 -7.98 2.59 -1.63
N SER A 141 -7.42 1.92 -0.63
N SER A 141 -7.40 1.96 -0.62
CA SER A 141 -7.96 1.94 0.75
CA SER A 141 -7.97 1.95 0.76
C SER A 141 -8.14 3.36 1.35
C SER A 141 -8.07 3.32 1.47
N SER A 142 -7.16 4.25 1.19
CA SER A 142 -7.32 5.62 1.68
C SER A 142 -8.56 6.31 1.06
N MET A 143 -8.76 6.20 -0.25
CA MET A 143 -9.92 6.85 -0.84
C MET A 143 -11.20 6.39 -0.16
N THR A 144 -11.32 5.08 0.15
CA THR A 144 -12.60 4.51 0.64
C THR A 144 -12.86 4.86 2.11
N PHE A 145 -11.75 5.12 2.83
CA PHE A 145 -11.83 5.71 4.17
C PHE A 145 -12.61 7.06 4.14
N PHE A 146 -12.35 7.91 3.18
CA PHE A 146 -13.12 9.19 3.12
C PHE A 146 -14.52 9.00 2.59
N GLN A 147 -14.57 8.23 1.49
CA GLN A 147 -15.83 7.86 0.84
C GLN A 147 -16.89 7.29 1.81
N ASN A 148 -16.50 6.42 2.74
CA ASN A 148 -17.48 5.88 3.71
C ASN A 148 -17.47 6.45 5.14
N SER A 149 -16.78 7.55 5.41
CA SER A 149 -16.72 8.13 6.80
C SER A 149 -18.07 8.77 7.17
N ARG A 150 -18.45 8.60 8.44
CA ARG A 150 -19.51 9.36 9.08
C ARG A 150 -19.07 10.78 9.61
N TYR A 151 -17.76 11.05 9.73
CA TYR A 151 -17.24 12.34 10.30
C TYR A 151 -17.34 13.45 9.26
N GLN A 152 -17.84 14.64 9.62
CA GLN A 152 -18.08 15.67 8.63
C GLN A 152 -16.86 16.22 7.88
N THR A 153 -15.72 16.32 8.53
CA THR A 153 -14.52 16.80 7.87
C THR A 153 -14.18 15.89 6.68
N TYR A 154 -14.25 14.59 6.91
CA TYR A 154 -13.92 13.56 5.91
C TYR A 154 -14.99 13.45 4.86
N GLN A 155 -16.24 13.64 5.26
CA GLN A 155 -17.33 13.79 4.28
C GLN A 155 -17.13 14.99 3.36
N ARG A 156 -16.77 16.13 3.94
CA ARG A 156 -16.50 17.30 3.10
C ARG A 156 -15.31 17.06 2.16
N MET A 157 -14.31 16.35 2.65
CA MET A 157 -13.16 16.00 1.81
C MET A 157 -13.56 15.03 0.70
N TRP A 158 -14.45 14.09 1.00
CA TRP A 158 -14.91 13.17 -0.06
C TRP A 158 -15.65 13.96 -1.20
N ASN A 159 -16.58 14.82 -0.78
CA ASN A 159 -17.38 15.64 -1.72
C ASN A 159 -16.51 16.52 -2.62
N TYR A 160 -15.46 17.10 -2.07
CA TYR A 160 -14.50 17.85 -2.84
C TYR A 160 -13.78 16.95 -3.87
N MET A 161 -13.17 15.84 -3.43
CA MET A 161 -12.33 15.00 -4.30
C MET A 161 -13.16 14.40 -5.40
N TYR A 162 -14.34 13.97 -5.02
CA TYR A 162 -15.28 13.49 -5.96
C TYR A 162 -15.58 14.49 -7.08
N SER A 163 -15.86 15.75 -6.75
N SER A 163 -15.80 15.75 -6.73
CA SER A 163 -16.39 16.69 -7.78
CA SER A 163 -16.39 16.72 -7.66
C SER A 163 -15.34 17.55 -8.50
C SER A 163 -15.43 17.72 -8.33
N LYS A 164 -14.15 17.73 -7.95
CA LYS A 164 -13.20 18.71 -8.50
C LYS A 164 -12.80 18.34 -9.92
N GLN A 165 -12.76 19.34 -10.79
CA GLN A 165 -12.13 19.22 -12.13
C GLN A 165 -11.06 20.29 -12.27
N PRO A 166 -9.95 19.99 -12.97
CA PRO A 166 -9.63 18.62 -13.39
C PRO A 166 -9.41 17.72 -12.15
N SER A 167 -9.44 16.43 -12.39
CA SER A 167 -9.38 15.42 -11.37
C SER A 167 -8.24 15.53 -10.40
N VAL A 168 -8.58 15.39 -9.11
CA VAL A 168 -7.56 15.38 -8.05
C VAL A 168 -7.05 13.96 -7.71
N PHE A 169 -7.51 12.96 -8.46
CA PHE A 169 -7.01 11.60 -8.27
C PHE A 169 -5.74 11.37 -9.05
N VAL A 170 -4.89 10.54 -8.49
CA VAL A 170 -3.72 10.04 -9.20
C VAL A 170 -3.88 8.52 -9.37
N LYS A 171 -3.13 7.99 -10.35
CA LYS A 171 -3.07 6.55 -10.70
C LYS A 171 -2.00 5.71 -9.99
N SER A 172 -1.04 6.35 -9.35
CA SER A 172 0.10 5.69 -8.68
C SER A 172 0.72 6.63 -7.61
N THR A 173 1.58 6.05 -6.77
CA THR A 173 2.22 6.76 -5.71
C THR A 173 3.24 7.75 -6.34
N GLU A 174 4.01 7.25 -7.31
N GLU A 174 4.00 7.28 -7.35
CA GLU A 174 4.92 8.06 -8.13
CA GLU A 174 4.95 8.15 -8.08
C GLU A 174 4.21 9.28 -8.70
C GLU A 174 4.24 9.31 -8.77
N GLU A 175 3.07 9.10 -9.35
CA GLU A 175 2.28 10.22 -9.86
C GLU A 175 1.91 11.24 -8.78
N GLY A 176 1.44 10.77 -7.60
CA GLY A 176 1.15 11.70 -6.50
C GLY A 176 2.32 12.52 -5.97
N ILE A 177 3.46 11.89 -5.73
CA ILE A 177 4.64 12.55 -5.19
C ILE A 177 5.07 13.69 -6.12
N ALA A 178 5.12 13.38 -7.42
CA ALA A 178 5.37 14.34 -8.51
C ALA A 178 4.37 15.51 -8.54
N ARG A 179 3.10 15.24 -8.37
CA ARG A 179 2.10 16.31 -8.17
C ARG A 179 2.37 17.15 -6.96
N VAL A 180 2.89 16.55 -5.89
CA VAL A 180 3.23 17.36 -4.70
C VAL A 180 4.39 18.31 -5.04
N LEU A 181 5.42 17.80 -5.70
CA LEU A 181 6.61 18.60 -5.89
C LEU A 181 6.34 19.68 -6.90
N ASN A 182 5.51 19.40 -7.88
CA ASN A 182 5.27 20.31 -9.01
C ASN A 182 3.97 21.09 -9.06
N SER A 183 3.11 21.00 -8.04
CA SER A 183 1.85 21.73 -8.08
C SER A 183 1.38 21.93 -6.67
N ASN A 184 0.31 22.69 -6.51
CA ASN A 184 -0.21 22.94 -5.15
C ASN A 184 -1.20 21.84 -4.76
N TYR A 185 -0.63 20.75 -4.27
CA TYR A 185 -1.38 19.53 -4.10
C TYR A 185 -0.80 18.78 -2.95
N ALA A 186 -1.68 18.45 -2.01
CA ALA A 186 -1.31 17.67 -0.89
C ALA A 186 -1.87 16.27 -1.16
N PHE A 187 -1.09 15.24 -0.83
CA PHE A 187 -1.36 13.87 -1.25
C PHE A 187 -1.75 13.06 -0.04
N LEU A 188 -2.87 12.34 -0.18
CA LEU A 188 -3.44 11.48 0.89
C LEU A 188 -2.93 10.07 0.68
N LEU A 189 -1.99 9.60 1.53
CA LEU A 189 -1.23 8.37 1.34
C LEU A 189 -0.80 7.74 2.64
N GLU A 190 -0.52 6.44 2.52
CA GLU A 190 -0.15 5.67 3.70
C GLU A 190 1.26 6.18 4.19
N SER A 191 1.35 6.27 5.52
CA SER A 191 2.50 6.76 6.31
C SER A 191 3.87 6.08 5.98
N THR A 192 3.78 4.82 5.57
CA THR A 192 4.88 4.02 5.10
C THR A 192 5.49 4.63 3.86
N MET A 193 4.64 5.10 2.97
CA MET A 193 5.11 5.74 1.75
C MET A 193 5.55 7.16 2.06
N ASN A 194 4.77 7.85 2.88
CA ASN A 194 5.13 9.19 3.40
C ASN A 194 6.56 9.23 3.96
N GLU A 195 6.85 8.36 4.92
CA GLU A 195 8.22 8.22 5.50
C GLU A 195 9.26 7.98 4.42
N TYR A 196 8.93 7.10 3.46
CA TYR A 196 9.86 6.73 2.42
C TYR A 196 10.32 7.95 1.57
N TYR A 197 9.36 8.69 1.06
CA TYR A 197 9.60 9.75 0.10
C TYR A 197 10.17 10.99 0.79
N ARG A 198 9.74 11.19 2.04
CA ARG A 198 10.28 12.25 2.88
C ARG A 198 11.79 12.06 3.15
N GLN A 199 12.20 10.83 3.43
CA GLN A 199 13.64 10.53 3.60
C GLN A 199 14.47 10.73 2.30
N ARG A 200 13.88 10.73 1.11
CA ARG A 200 14.62 10.96 -0.13
C ARG A 200 14.44 12.34 -0.77
N ASN A 201 13.81 13.26 -0.06
CA ASN A 201 13.42 14.55 -0.64
C ASN A 201 13.12 15.53 0.50
N CYS A 202 14.14 16.27 0.90
CA CYS A 202 14.06 17.20 2.03
C CYS A 202 12.96 18.28 1.90
N ASN A 203 12.46 18.51 0.70
CA ASN A 203 11.37 19.47 0.47
C ASN A 203 9.95 19.03 0.93
N LEU A 204 9.79 17.74 1.25
CA LEU A 204 8.50 17.11 1.55
C LEU A 204 8.29 17.06 3.04
N THR A 205 7.07 17.33 3.47
CA THR A 205 6.76 17.28 4.90
C THR A 205 5.43 16.64 5.13
N GLN A 206 5.20 16.27 6.39
CA GLN A 206 3.95 15.62 6.78
C GLN A 206 3.05 16.64 7.40
N ILE A 207 1.78 16.72 6.97
CA ILE A 207 0.79 17.62 7.60
C ILE A 207 0.02 16.88 8.74
N GLY A 208 0.16 17.32 9.98
CA GLY A 208 -0.52 16.70 11.10
C GLY A 208 -0.10 15.23 11.35
N GLY A 209 -0.95 14.49 12.03
CA GLY A 209 -0.67 13.13 12.37
C GLY A 209 -1.34 12.13 11.46
N LEU A 210 -1.44 10.92 11.95
CA LEU A 210 -2.03 9.79 11.21
C LEU A 210 -3.51 9.77 11.45
N LEU A 211 -4.28 9.46 10.41
CA LEU A 211 -5.75 9.49 10.55
C LEU A 211 -6.38 8.17 10.95
N ASP A 212 -5.60 7.10 11.03
CA ASP A 212 -6.13 5.78 11.43
C ASP A 212 -4.93 4.90 11.72
N THR A 213 -5.17 3.64 12.04
N THR A 213 -5.15 3.66 12.13
CA THR A 213 -4.10 2.65 12.28
CA THR A 213 -4.06 2.68 12.24
C THR A 213 -4.49 1.34 11.60
C THR A 213 -4.49 1.37 11.58
N LYS A 214 -3.62 0.85 10.71
CA LYS A 214 -3.91 -0.32 9.90
C LYS A 214 -2.68 -1.18 9.80
N GLY A 215 -2.86 -2.29 9.08
CA GLY A 215 -1.86 -3.29 8.79
C GLY A 215 -1.80 -3.65 7.29
N TYR A 216 -0.62 -4.05 6.83
CA TYR A 216 -0.43 -4.71 5.53
C TYR A 216 -0.37 -6.21 5.87
N GLY A 217 -0.84 -7.03 4.95
CA GLY A 217 -0.83 -8.46 5.13
C GLY A 217 -0.70 -9.22 3.82
N ILE A 218 -0.14 -10.41 3.94
CA ILE A 218 -0.09 -11.32 2.81
C ILE A 218 -1.52 -11.72 2.56
N GLY A 219 -2.00 -11.43 1.34
CA GLY A 219 -3.33 -11.91 0.85
C GLY A 219 -3.33 -13.35 0.32
N MET A 220 -4.38 -14.10 0.64
CA MET A 220 -4.53 -15.46 0.23
C MET A 220 -5.99 -15.73 -0.08
N PRO A 221 -6.24 -16.82 -0.88
CA PRO A 221 -7.62 -17.05 -1.17
C PRO A 221 -8.28 -17.53 0.10
N VAL A 222 -9.58 -17.29 0.22
N VAL A 222 -9.57 -17.26 0.21
CA VAL A 222 -10.32 -17.67 1.42
CA VAL A 222 -10.43 -17.75 1.29
C VAL A 222 -10.33 -19.15 1.63
C VAL A 222 -10.17 -19.21 1.57
N GLY A 223 -9.96 -19.57 2.83
CA GLY A 223 -9.79 -20.98 3.18
C GLY A 223 -8.39 -21.48 2.86
N SER A 224 -7.45 -20.59 2.57
CA SER A 224 -6.16 -21.10 2.13
C SER A 224 -5.47 -22.03 3.15
N VAL A 225 -5.01 -23.20 2.69
CA VAL A 225 -4.23 -24.14 3.50
C VAL A 225 -2.89 -23.57 3.99
N PHE A 226 -2.40 -22.50 3.37
CA PHE A 226 -1.07 -21.98 3.68
C PHE A 226 -1.10 -20.93 4.80
N ARG A 227 -2.29 -20.40 5.13
CA ARG A 227 -2.42 -19.36 6.16
C ARG A 227 -1.80 -19.69 7.51
N ASP A 228 -2.12 -20.87 8.06
N ASP A 228 -2.11 -20.85 8.08
CA ASP A 228 -1.61 -21.27 9.39
CA ASP A 228 -1.61 -21.15 9.41
C ASP A 228 -0.08 -21.17 9.50
C ASP A 228 -0.07 -21.14 9.51
N GLU A 229 0.63 -21.79 8.58
CA GLU A 229 2.10 -21.89 8.67
C GLU A 229 2.74 -20.51 8.39
N PHE A 230 2.07 -19.66 7.59
CA PHE A 230 2.60 -18.32 7.28
C PHE A 230 2.46 -17.43 8.50
N ASP A 231 1.34 -17.57 9.21
CA ASP A 231 1.19 -16.93 10.50
C ASP A 231 2.28 -17.37 11.50
N LEU A 232 2.60 -18.65 11.53
CA LEU A 232 3.66 -19.16 12.41
C LEU A 232 5.00 -18.60 12.03
N ALA A 233 5.34 -18.56 10.73
CA ALA A 233 6.59 -17.93 10.34
C ALA A 233 6.71 -16.40 10.55
N ILE A 234 5.63 -15.65 10.30
CA ILE A 234 5.61 -14.21 10.49
C ILE A 234 5.84 -13.86 11.96
N LEU A 235 5.17 -14.56 12.85
CA LEU A 235 5.40 -14.46 14.29
C LEU A 235 6.85 -14.72 14.71
N GLN A 236 7.44 -15.83 14.29
CA GLN A 236 8.87 -16.02 14.50
C GLN A 236 9.69 -14.85 13.93
N LEU A 237 9.33 -14.33 12.77
CA LEU A 237 10.10 -13.19 12.19
C LEU A 237 9.95 -11.95 13.06
N GLN A 238 8.71 -11.72 13.51
CA GLN A 238 8.37 -10.61 14.39
C GLN A 238 9.13 -10.71 15.70
N GLU A 239 9.21 -11.90 16.27
CA GLU A 239 9.77 -12.05 17.58
C GLU A 239 11.28 -12.06 17.53
N ASN A 240 11.85 -12.36 16.37
CA ASN A 240 13.29 -12.15 16.18
C ASN A 240 13.71 -10.77 15.60
N ASN A 241 12.77 -9.83 15.55
CA ASN A 241 12.96 -8.49 14.99
C ASN A 241 13.32 -8.43 13.56
N ARG A 242 13.01 -9.47 12.79
CA ARG A 242 13.40 -9.50 11.36
C ARG A 242 12.64 -8.47 10.52
N LEU A 243 11.34 -8.33 10.76
CA LEU A 243 10.50 -7.42 9.97
C LEU A 243 10.96 -5.97 10.17
N GLU A 244 11.38 -5.64 11.38
CA GLU A 244 11.93 -4.32 11.70
C GLU A 244 13.30 -4.11 11.07
N ILE A 245 14.20 -5.08 11.17
CA ILE A 245 15.51 -4.92 10.50
C ILE A 245 15.36 -4.63 9.01
N LEU A 246 14.53 -5.41 8.35
CA LEU A 246 14.24 -5.29 6.91
C LEU A 246 13.60 -3.95 6.56
N LYS A 247 12.79 -3.42 7.48
CA LYS A 247 12.16 -2.15 7.23
C LYS A 247 13.23 -1.03 7.29
N ARG A 248 14.13 -1.19 8.23
CA ARG A 248 15.20 -0.23 8.34
C ARG A 248 16.10 -0.32 7.14
N LYS A 249 16.39 -1.51 6.68
CA LYS A 249 17.23 -1.67 5.48
C LYS A 249 16.67 -0.89 4.26
N TRP A 250 15.36 -1.01 4.04
CA TRP A 250 14.71 -0.40 2.90
C TRP A 250 14.19 1.02 3.05
N TRP A 251 13.91 1.45 4.28
CA TRP A 251 13.40 2.80 4.58
C TRP A 251 14.48 3.84 4.95
N GLU A 252 15.36 3.52 5.88
CA GLU A 252 16.27 4.53 6.46
C GLU A 252 17.31 5.20 5.55
N GLY A 253 17.56 4.67 4.36
CA GLY A 253 18.55 5.25 3.47
C GLY A 253 18.27 6.70 3.05
#